data_5NYU
#
_entry.id   5NYU
#
_entity_poly.entity_id   1
_entity_poly.type   'polydeoxyribonucleotide'
_entity_poly.pdbx_seq_one_letter_code
;(DT)(DA)(DG)(DG)(DG)(DA)(DC)(DG)(DG)(DG)(DC)(DG)(DG)(DG)(DC)(DA)(DG)(DG)(DG)(DT)
;
_entity_poly.pdbx_strand_id   A
#
loop_
_chem_comp.id
_chem_comp.type
_chem_comp.name
_chem_comp.formula
DA DNA linking 2'-DEOXYADENOSINE-5'-MONOPHOSPHATE 'C10 H14 N5 O6 P'
DC DNA linking 2'-DEOXYCYTIDINE-5'-MONOPHOSPHATE 'C9 H14 N3 O7 P'
DG DNA linking 2'-DEOXYGUANOSINE-5'-MONOPHOSPHATE 'C10 H14 N5 O7 P'
DT DNA linking THYMIDINE-5'-MONOPHOSPHATE 'C10 H15 N2 O8 P'
#